data_4GV4
#
_entry.id   4GV4
#
_cell.length_a   54.664
_cell.length_b   56.742
_cell.length_c   56.977
_cell.angle_alpha   90.00
_cell.angle_beta   112.74
_cell.angle_gamma   90.00
#
_symmetry.space_group_name_H-M   'P 1 21 1'
#
loop_
_entity.id
_entity.type
_entity.pdbx_description
1 polymer 'Poly [ADP-ribose] polymerase 3'
2 non-polymer 3-(4-oxo-3,4-dihydroquinazolin-2-yl)-N-[(1S)-1-phenylethyl]propanamide
3 non-polymer 'DIMETHYL SULFOXIDE'
4 water water
#
_entity_poly.entity_id   1
_entity_poly.type   'polypeptide(L)'
_entity_poly.pdbx_seq_one_letter_code
;SMKRVQPCSLDPATQKLITNIFSKEMFKNTMALMDLDVKKMPLGKLSKQQIARGFEALEALEEALKGPTDGGQSLEELSS
HFYTVIPHNFGHSQPPPINSPELLQAKKDMLLVLADIELAQALQAVSEQEKTVEEVPHPLDRDYQLLKCQLQLLDSGAPE
YKVIQTYLEQTGSNHRCPTLQHIWKVNQEGEEDRFQAHSKLGNRKLLWHGTNMAVVAAILTSGLRIMPHSGGRVGKGIYF
ASENSKSAGYVIGMKCGAHHVGYMFLGEVALGREHHINTDNPSLKSPPPGFDSVIARGHTEPDPTQDTELELDGQQVVVP
QGQPVPCPEFSSSTFSQSEYLIYQESQCRLRYLLEVH
;
_entity_poly.pdbx_strand_id   A
#
# COMPACT_ATOMS: atom_id res chain seq x y z
N SER A 1 12.28 -17.19 -36.28
CA SER A 1 13.15 -18.14 -35.57
C SER A 1 13.01 -17.94 -34.06
N MET A 2 13.64 -18.80 -33.32
CA MET A 2 13.53 -18.72 -31.90
C MET A 2 14.36 -17.57 -31.31
N LYS A 3 13.79 -16.89 -30.33
CA LYS A 3 14.42 -15.72 -29.78
C LYS A 3 15.37 -16.22 -28.70
N ARG A 4 16.49 -15.54 -28.55
CA ARG A 4 17.39 -15.79 -27.42
C ARG A 4 16.80 -15.16 -26.15
N VAL A 5 16.84 -15.90 -25.04
CA VAL A 5 16.52 -15.37 -23.71
C VAL A 5 17.83 -15.04 -23.05
N GLN A 6 18.04 -13.76 -22.76
CA GLN A 6 19.31 -13.34 -22.15
C GLN A 6 19.36 -13.74 -20.69
N PRO A 7 20.56 -13.98 -20.17
CA PRO A 7 20.69 -14.32 -18.76
C PRO A 7 20.17 -13.19 -17.84
N CYS A 8 19.62 -13.60 -16.70
CA CYS A 8 19.08 -12.66 -15.73
C CYS A 8 20.20 -11.87 -15.03
N SER A 9 20.01 -10.59 -14.89
CA SER A 9 21.04 -9.72 -14.30
C SER A 9 20.84 -9.57 -12.78
N LEU A 10 19.73 -10.07 -12.28
CA LEU A 10 19.29 -9.81 -10.88
C LEU A 10 19.87 -10.74 -9.81
N ASP A 11 20.14 -10.17 -8.63
CA ASP A 11 20.59 -10.98 -7.52
C ASP A 11 19.40 -11.88 -7.06
N PRO A 12 19.69 -12.96 -6.33
CA PRO A 12 18.65 -13.94 -5.95
C PRO A 12 17.48 -13.36 -5.15
N ALA A 13 17.80 -12.44 -4.25
CA ALA A 13 16.76 -11.81 -3.43
C ALA A 13 15.83 -10.98 -4.30
N THR A 14 16.41 -10.21 -5.22
CA THR A 14 15.60 -9.38 -6.15
C THR A 14 14.81 -10.27 -7.10
N GLN A 15 15.38 -11.36 -7.57
CA GLN A 15 14.60 -12.29 -8.40
C GLN A 15 13.38 -12.83 -7.68
N LYS A 16 13.58 -13.21 -6.43
CA LYS A 16 12.44 -13.67 -5.58
C LYS A 16 11.36 -12.61 -5.40
N LEU A 17 11.76 -11.38 -5.11
CA LEU A 17 10.82 -10.26 -4.99
C LEU A 17 10.01 -10.08 -6.25
N ILE A 18 10.70 -10.04 -7.38
CA ILE A 18 10.07 -9.85 -8.66
C ILE A 18 9.11 -11.00 -9.00
N THR A 19 9.55 -12.23 -8.75
CA THR A 19 8.69 -13.38 -8.89
C THR A 19 7.41 -13.23 -8.04
N ASN A 20 7.57 -12.87 -6.80
CA ASN A 20 6.44 -12.76 -5.85
C ASN A 20 5.42 -11.67 -6.25
N ILE A 21 5.87 -10.47 -6.65
CA ILE A 21 4.95 -9.35 -6.84
C ILE A 21 4.20 -9.39 -8.17
N PHE A 22 4.64 -10.25 -9.11
CA PHE A 22 3.94 -10.49 -10.35
C PHE A 22 3.32 -11.89 -10.44
N SER A 23 3.35 -12.64 -9.35
CA SER A 23 2.97 -14.05 -9.35
C SER A 23 1.48 -14.18 -9.56
N LYS A 24 1.08 -14.90 -10.62
CA LYS A 24 -0.31 -15.18 -10.83
C LYS A 24 -0.96 -15.94 -9.66
N GLU A 25 -0.22 -16.84 -9.02
CA GLU A 25 -0.78 -17.49 -7.85
C GLU A 25 -1.06 -16.47 -6.75
N MET A 26 -0.11 -15.57 -6.52
CA MET A 26 -0.28 -14.53 -5.51
C MET A 26 -1.54 -13.69 -5.76
N PHE A 27 -1.69 -13.24 -7.01
CA PHE A 27 -2.82 -12.42 -7.38
C PHE A 27 -4.14 -13.18 -7.19
N LYS A 28 -4.17 -14.43 -7.62
CA LYS A 28 -5.42 -15.21 -7.43
C LYS A 28 -5.67 -15.50 -5.93
N ASN A 29 -4.61 -15.72 -5.15
CA ASN A 29 -4.75 -15.91 -3.67
C ASN A 29 -5.42 -14.69 -3.04
N THR A 30 -4.94 -13.53 -3.48
CA THR A 30 -5.45 -12.27 -3.01
C THR A 30 -6.94 -12.12 -3.36
N MET A 31 -7.33 -12.50 -4.59
CA MET A 31 -8.72 -12.40 -5.00
C MET A 31 -9.58 -13.38 -4.18
N ALA A 32 -9.04 -14.55 -3.89
CA ALA A 32 -9.75 -15.50 -3.00
C ALA A 32 -9.90 -14.98 -1.59
N LEU A 33 -8.86 -14.36 -1.05
CA LEU A 33 -8.92 -13.77 0.28
C LEU A 33 -9.91 -12.61 0.35
N MET A 34 -10.20 -11.97 -0.78
CA MET A 34 -11.25 -10.92 -0.84
C MET A 34 -12.60 -11.41 -1.29
N ASP A 35 -12.80 -12.73 -1.29
CA ASP A 35 -14.09 -13.34 -1.63
C ASP A 35 -14.46 -13.20 -3.11
N LEU A 36 -13.48 -13.02 -3.99
CA LEU A 36 -13.79 -12.92 -5.42
C LEU A 36 -13.83 -14.29 -6.09
N ASP A 37 -14.68 -14.41 -7.10
CA ASP A 37 -14.80 -15.64 -7.86
C ASP A 37 -13.75 -15.64 -8.96
N VAL A 38 -12.65 -16.32 -8.72
CA VAL A 38 -11.54 -16.32 -9.65
C VAL A 38 -11.85 -17.11 -10.93
N LYS A 39 -12.79 -18.06 -10.84
CA LYS A 39 -13.24 -18.82 -12.00
C LYS A 39 -14.01 -17.92 -12.98
N LYS A 40 -14.82 -17.00 -12.43
CA LYS A 40 -15.58 -16.04 -13.22
C LYS A 40 -14.79 -14.77 -13.56
N MET A 41 -13.69 -14.54 -12.85
CA MET A 41 -12.84 -13.32 -12.99
C MET A 41 -11.39 -13.70 -13.11
N PRO A 42 -11.05 -14.42 -14.21
CA PRO A 42 -9.67 -14.78 -14.36
C PRO A 42 -8.85 -13.51 -14.58
N LEU A 43 -7.57 -13.57 -14.26
CA LEU A 43 -6.68 -12.39 -14.33
C LEU A 43 -6.67 -11.76 -15.68
N GLY A 44 -6.65 -12.60 -16.72
CA GLY A 44 -6.66 -12.12 -18.09
C GLY A 44 -7.93 -11.40 -18.50
N LYS A 45 -9.01 -11.60 -17.76
CA LYS A 45 -10.31 -11.04 -18.12
C LYS A 45 -10.57 -9.70 -17.42
N LEU A 46 -9.81 -9.42 -16.36
CA LEU A 46 -9.97 -8.18 -15.60
C LEU A 46 -9.76 -7.01 -16.52
N SER A 47 -10.60 -6.00 -16.38
CA SER A 47 -10.58 -4.84 -17.28
C SER A 47 -10.85 -3.57 -16.52
N LYS A 48 -10.30 -2.46 -17.03
CA LYS A 48 -10.58 -1.18 -16.43
C LYS A 48 -12.07 -0.85 -16.46
N GLN A 49 -12.77 -1.27 -17.51
CA GLN A 49 -14.20 -1.01 -17.64
C GLN A 49 -14.99 -1.70 -16.51
N GLN A 50 -14.66 -2.95 -16.24
CA GLN A 50 -15.34 -3.69 -15.18
C GLN A 50 -15.14 -3.04 -13.81
N ILE A 51 -13.90 -2.70 -13.53
CA ILE A 51 -13.52 -2.00 -12.28
C ILE A 51 -14.30 -0.69 -12.16
N ALA A 52 -14.40 0.08 -13.24
CA ALA A 52 -15.16 1.36 -13.20
C ALA A 52 -16.62 1.09 -12.96
N ARG A 53 -17.15 0.07 -13.63
CA ARG A 53 -18.53 -0.29 -13.43
C ARG A 53 -18.78 -0.72 -11.98
N GLY A 54 -17.78 -1.38 -11.40
CA GLY A 54 -17.83 -1.76 -10.01
C GLY A 54 -17.92 -0.56 -9.11
N PHE A 55 -17.06 0.45 -9.33
CA PHE A 55 -17.12 1.68 -8.48
C PHE A 55 -18.43 2.44 -8.67
N GLU A 56 -18.93 2.49 -9.92
CA GLU A 56 -20.27 3.07 -10.18
C GLU A 56 -21.38 2.41 -9.33
N ALA A 57 -21.34 1.09 -9.25
CA ALA A 57 -22.31 0.34 -8.45
C ALA A 57 -22.18 0.64 -6.97
N LEU A 58 -20.94 0.79 -6.49
CA LEU A 58 -20.72 1.17 -5.12
C LEU A 58 -21.13 2.64 -4.87
N GLU A 59 -20.99 3.49 -5.87
CA GLU A 59 -21.44 4.90 -5.73
C GLU A 59 -22.96 4.98 -5.55
N ALA A 60 -23.68 4.10 -6.24
CA ALA A 60 -25.16 4.04 -6.08
C ALA A 60 -25.53 3.50 -4.70
N LEU A 61 -24.80 2.51 -4.20
CA LEU A 61 -25.05 2.04 -2.83
C LEU A 61 -24.82 3.16 -1.82
N GLU A 62 -23.76 3.92 -2.00
CA GLU A 62 -23.40 4.95 -1.06
C GLU A 62 -24.52 5.98 -0.98
N GLU A 63 -25.04 6.36 -2.13
CA GLU A 63 -26.15 7.32 -2.18
C GLU A 63 -27.40 6.77 -1.52
N ALA A 64 -27.73 5.50 -1.77
CA ALA A 64 -28.81 4.82 -1.03
C ALA A 64 -28.59 4.76 0.49
N LEU A 65 -27.37 4.55 0.92
CA LEU A 65 -27.05 4.50 2.34
C LEU A 65 -27.16 5.85 3.05
N LYS A 66 -27.00 6.95 2.32
CA LYS A 66 -26.98 8.28 2.92
C LYS A 66 -28.28 9.07 2.83
N GLY A 67 -28.81 9.16 1.61
CA GLY A 67 -29.73 10.27 1.23
C GLY A 67 -31.24 10.07 1.15
N PRO A 68 -31.69 8.80 1.09
CA PRO A 68 -33.12 8.47 1.12
C PRO A 68 -33.65 8.36 2.57
N THR A 69 -34.64 7.52 2.89
CA THR A 69 -35.42 6.73 1.92
C THR A 69 -36.15 7.70 0.99
N ASP A 70 -36.04 7.44 -0.33
CA ASP A 70 -36.62 8.33 -1.36
C ASP A 70 -37.12 7.59 -2.60
N GLY A 71 -37.34 6.28 -2.50
CA GLY A 71 -37.92 5.52 -3.62
C GLY A 71 -36.93 4.99 -4.62
N GLY A 72 -35.63 5.11 -4.34
CA GLY A 72 -34.62 4.44 -5.11
C GLY A 72 -34.69 2.92 -4.94
N GLN A 73 -33.78 2.23 -5.62
CA GLN A 73 -33.73 0.77 -5.57
C GLN A 73 -33.25 0.38 -4.16
N SER A 74 -33.74 -0.75 -3.66
CA SER A 74 -33.35 -1.26 -2.36
C SER A 74 -31.85 -1.56 -2.28
N LEU A 75 -31.31 -1.62 -1.07
CA LEU A 75 -29.91 -2.02 -0.92
C LEU A 75 -29.69 -3.41 -1.48
N GLU A 76 -30.67 -4.30 -1.36
CA GLU A 76 -30.54 -5.66 -1.92
C GLU A 76 -30.40 -5.64 -3.44
N GLU A 77 -31.25 -4.86 -4.09
CA GLU A 77 -31.24 -4.78 -5.54
C GLU A 77 -29.90 -4.14 -6.04
N LEU A 78 -29.45 -3.12 -5.32
CA LEU A 78 -28.22 -2.42 -5.68
C LEU A 78 -26.99 -3.29 -5.42
N SER A 79 -27.03 -4.03 -4.31
CA SER A 79 -26.00 -5.03 -4.04
C SER A 79 -25.91 -6.09 -5.12
N SER A 80 -27.08 -6.63 -5.53
CA SER A 80 -27.14 -7.62 -6.56
C SER A 80 -26.50 -7.12 -7.88
N HIS A 81 -26.75 -5.87 -8.26
CA HIS A 81 -26.07 -5.32 -9.42
C HIS A 81 -24.54 -5.34 -9.23
N PHE A 82 -24.06 -4.91 -8.08
CA PHE A 82 -22.64 -4.87 -7.81
C PHE A 82 -22.02 -6.28 -7.99
N TYR A 83 -22.66 -7.27 -7.40
CA TYR A 83 -22.20 -8.68 -7.47
C TYR A 83 -22.30 -9.29 -8.87
N THR A 84 -23.14 -8.73 -9.74
CA THR A 84 -23.12 -9.13 -11.15
C THR A 84 -21.91 -8.59 -11.89
N VAL A 85 -21.53 -7.34 -11.57
CA VAL A 85 -20.39 -6.68 -12.15
C VAL A 85 -19.08 -7.27 -11.67
N ILE A 86 -19.02 -7.56 -10.36
CA ILE A 86 -17.81 -8.06 -9.73
C ILE A 86 -18.19 -9.37 -9.02
N PRO A 87 -18.05 -10.51 -9.72
CA PRO A 87 -18.49 -11.82 -9.20
C PRO A 87 -17.77 -12.22 -7.93
N HIS A 88 -18.54 -12.62 -6.91
CA HIS A 88 -17.99 -13.06 -5.65
C HIS A 88 -18.34 -14.54 -5.48
N ASN A 89 -17.61 -15.17 -4.56
CA ASN A 89 -17.77 -16.58 -4.27
C ASN A 89 -17.87 -16.69 -2.76
N PHE A 90 -19.02 -17.16 -2.32
CA PHE A 90 -19.22 -17.48 -0.93
C PHE A 90 -19.73 -18.94 -0.90
N GLY A 91 -18.91 -19.86 -1.35
CA GLY A 91 -19.29 -21.28 -1.53
C GLY A 91 -20.60 -21.44 -2.29
N HIS A 92 -20.71 -20.76 -3.42
CA HIS A 92 -21.99 -20.67 -4.18
C HIS A 92 -23.30 -20.55 -3.31
N SER A 93 -23.21 -19.84 -2.17
CA SER A 93 -24.39 -19.24 -1.51
C SER A 93 -24.53 -17.83 -2.05
N GLN A 94 -25.60 -17.11 -1.67
CA GLN A 94 -25.79 -15.74 -2.15
C GLN A 94 -24.85 -14.79 -1.40
N PRO A 95 -24.14 -13.88 -2.12
CA PRO A 95 -23.34 -12.89 -1.38
C PRO A 95 -24.21 -11.98 -0.53
N PRO A 96 -23.64 -11.36 0.52
CA PRO A 96 -24.45 -10.56 1.45
C PRO A 96 -24.65 -9.09 1.03
N PRO A 97 -25.75 -8.43 1.48
CA PRO A 97 -26.05 -7.05 1.07
C PRO A 97 -25.12 -6.03 1.68
N ILE A 98 -24.83 -4.98 0.92
CA ILE A 98 -23.83 -4.02 1.29
C ILE A 98 -24.65 -2.90 1.95
N ASN A 99 -24.88 -3.06 3.26
CA ASN A 99 -25.90 -2.28 3.95
C ASN A 99 -25.38 -1.52 5.15
N SER A 100 -24.07 -1.32 5.20
CA SER A 100 -23.43 -0.53 6.25
C SER A 100 -22.27 0.25 5.67
N PRO A 101 -21.89 1.35 6.33
CA PRO A 101 -20.71 2.15 5.88
C PRO A 101 -19.44 1.30 5.88
N GLU A 102 -19.32 0.44 6.90
CA GLU A 102 -18.15 -0.40 7.04
C GLU A 102 -17.97 -1.32 5.86
N LEU A 103 -19.07 -1.95 5.46
CA LEU A 103 -19.03 -2.90 4.36
C LEU A 103 -18.83 -2.18 3.02
N LEU A 104 -19.42 -1.01 2.90
CA LEU A 104 -19.23 -0.19 1.70
C LEU A 104 -17.74 0.16 1.55
N GLN A 105 -17.10 0.67 2.60
CA GLN A 105 -15.69 0.97 2.50
C GLN A 105 -14.84 -0.30 2.27
N ALA A 106 -15.25 -1.45 2.83
CA ALA A 106 -14.52 -2.70 2.64
C ALA A 106 -14.53 -3.12 1.16
N LYS A 107 -15.66 -2.93 0.52
CA LYS A 107 -15.81 -3.22 -0.92
C LYS A 107 -15.08 -2.22 -1.78
N LYS A 108 -15.06 -0.95 -1.38
CA LYS A 108 -14.25 0.06 -2.08
C LYS A 108 -12.76 -0.32 -2.01
N ASP A 109 -12.33 -0.73 -0.83
CA ASP A 109 -10.92 -1.14 -0.64
C ASP A 109 -10.57 -2.39 -1.44
N MET A 110 -11.50 -3.35 -1.48
CA MET A 110 -11.31 -4.52 -2.32
C MET A 110 -11.12 -4.10 -3.76
N LEU A 111 -11.91 -3.14 -4.24
CA LEU A 111 -11.80 -2.75 -5.67
C LEU A 111 -10.54 -1.99 -5.95
N LEU A 112 -10.05 -1.22 -4.96
CA LEU A 112 -8.75 -0.55 -5.08
C LEU A 112 -7.61 -1.54 -5.26
N VAL A 113 -7.65 -2.63 -4.50
CA VAL A 113 -6.68 -3.71 -4.65
C VAL A 113 -6.84 -4.36 -6.02
N LEU A 114 -8.08 -4.71 -6.37
CA LEU A 114 -8.33 -5.34 -7.67
C LEU A 114 -7.86 -4.45 -8.87
N ALA A 115 -8.06 -3.15 -8.75
CA ALA A 115 -7.57 -2.18 -9.75
C ALA A 115 -6.04 -2.22 -9.92
N ASP A 116 -5.30 -2.43 -8.84
CA ASP A 116 -3.86 -2.56 -8.88
C ASP A 116 -3.42 -3.93 -9.39
N ILE A 117 -4.23 -4.96 -9.17
CA ILE A 117 -3.99 -6.25 -9.82
C ILE A 117 -4.11 -6.10 -11.34
N GLU A 118 -5.19 -5.45 -11.79
CA GLU A 118 -5.41 -5.22 -13.21
C GLU A 118 -4.28 -4.35 -13.84
N LEU A 119 -3.83 -3.35 -13.08
CA LEU A 119 -2.65 -2.57 -13.47
C LEU A 119 -1.47 -3.45 -13.76
N ALA A 120 -1.14 -4.36 -12.82
CA ALA A 120 -0.05 -5.28 -13.04
C ALA A 120 -0.20 -6.13 -14.28
N GLN A 121 -1.42 -6.59 -14.57
CA GLN A 121 -1.70 -7.38 -15.79
C GLN A 121 -1.51 -6.53 -17.02
N ALA A 122 -2.10 -5.33 -17.00
CA ALA A 122 -1.94 -4.39 -18.12
C ALA A 122 -0.47 -4.03 -18.39
N LEU A 123 0.30 -3.85 -17.32
CA LEU A 123 1.72 -3.54 -17.43
C LEU A 123 2.52 -4.63 -18.19
N GLN A 124 2.14 -5.88 -17.97
CA GLN A 124 2.79 -7.05 -18.57
C GLN A 124 2.38 -7.37 -20.00
N ALA A 125 1.47 -6.60 -20.58
CA ALA A 125 1.07 -6.82 -21.97
C ALA A 125 2.35 -6.75 -22.85
N VAL A 126 2.48 -7.70 -23.77
CA VAL A 126 3.62 -7.76 -24.71
C VAL A 126 3.53 -6.69 -25.80
N SER A 127 4.56 -5.87 -25.93
CA SER A 127 4.55 -4.81 -26.92
C SER A 127 4.88 -5.38 -28.29
N GLU A 128 4.53 -4.63 -29.34
CA GLU A 128 4.95 -5.00 -30.70
C GLU A 128 6.47 -4.97 -30.86
N GLN A 129 7.16 -4.02 -30.22
CA GLN A 129 8.65 -3.94 -30.22
C GLN A 129 9.24 -5.27 -29.71
N GLU A 130 8.63 -5.79 -28.66
CA GLU A 130 9.05 -7.05 -28.08
C GLU A 130 8.77 -8.24 -28.97
N LYS A 131 7.71 -8.18 -29.78
CA LYS A 131 7.43 -9.26 -30.75
C LYS A 131 8.45 -9.25 -31.90
N THR A 132 9.00 -8.08 -32.23
CA THR A 132 9.96 -7.97 -33.35
C THR A 132 11.46 -8.25 -32.98
N VAL A 133 11.89 -7.86 -31.78
CA VAL A 133 13.30 -8.05 -31.39
C VAL A 133 13.64 -9.52 -31.38
N GLU A 134 14.89 -9.85 -31.69
CA GLU A 134 15.29 -11.24 -31.79
C GLU A 134 15.90 -11.80 -30.53
N GLU A 135 16.11 -10.95 -29.52
CA GLU A 135 16.51 -11.43 -28.22
C GLU A 135 15.65 -10.72 -27.20
N VAL A 136 15.31 -11.43 -26.13
CA VAL A 136 14.52 -10.86 -25.08
C VAL A 136 15.21 -10.96 -23.70
N PRO A 137 14.89 -10.06 -22.76
CA PRO A 137 15.45 -10.19 -21.44
C PRO A 137 14.91 -11.43 -20.80
N HIS A 138 15.66 -11.97 -19.85
CA HIS A 138 15.06 -12.90 -18.87
C HIS A 138 13.73 -12.36 -18.36
N PRO A 139 12.72 -13.23 -18.19
CA PRO A 139 11.39 -12.78 -17.74
C PRO A 139 11.46 -11.95 -16.51
N LEU A 140 12.38 -12.24 -15.59
CA LEU A 140 12.47 -11.42 -14.36
C LEU A 140 13.06 -10.05 -14.62
N ASP A 141 14.03 -9.96 -15.52
CA ASP A 141 14.52 -8.64 -15.94
C ASP A 141 13.45 -7.85 -16.65
N ARG A 142 12.65 -8.51 -17.45
CA ARG A 142 11.60 -7.82 -18.15
C ARG A 142 10.62 -7.25 -17.12
N ASP A 143 10.24 -8.08 -16.17
CA ASP A 143 9.30 -7.60 -15.14
C ASP A 143 9.87 -6.46 -14.31
N TYR A 144 11.12 -6.59 -13.88
CA TYR A 144 11.78 -5.52 -13.17
C TYR A 144 11.81 -4.22 -13.99
N GLN A 145 12.19 -4.33 -15.24
CA GLN A 145 12.19 -3.16 -16.14
C GLN A 145 10.84 -2.46 -16.30
N LEU A 146 9.77 -3.23 -16.36
CA LEU A 146 8.40 -2.70 -16.43
C LEU A 146 8.07 -1.72 -15.30
N LEU A 147 8.69 -1.91 -14.13
CA LEU A 147 8.40 -1.08 -12.96
C LEU A 147 8.90 0.35 -13.16
N LYS A 148 9.89 0.52 -14.05
CA LYS A 148 10.60 1.79 -14.15
C LYS A 148 10.96 2.35 -12.75
N CYS A 149 11.54 1.49 -11.92
CA CYS A 149 11.85 1.80 -10.52
C CYS A 149 13.17 1.12 -10.18
N GLN A 150 14.17 1.88 -9.77
CA GLN A 150 15.41 1.25 -9.35
C GLN A 150 15.28 0.63 -7.95
N LEU A 151 15.70 -0.61 -7.81
CA LEU A 151 15.75 -1.30 -6.53
C LEU A 151 17.19 -1.68 -6.31
N GLN A 152 17.77 -1.26 -5.19
CA GLN A 152 19.11 -1.69 -4.82
C GLN A 152 19.09 -2.41 -3.49
N LEU A 153 19.46 -3.68 -3.52
CA LEU A 153 19.55 -4.49 -2.29
C LEU A 153 20.67 -3.98 -1.41
N LEU A 154 20.34 -3.75 -0.13
CA LEU A 154 21.34 -3.32 0.84
C LEU A 154 21.97 -4.50 1.50
N ASP A 155 23.22 -4.33 1.88
CA ASP A 155 23.79 -5.29 2.83
C ASP A 155 23.96 -4.67 4.17
N SER A 156 24.34 -5.56 5.08
CA SER A 156 24.35 -5.40 6.55
C SER A 156 24.96 -4.14 6.98
N GLY A 157 25.97 -3.72 6.24
CA GLY A 157 26.76 -2.61 6.64
C GLY A 157 26.49 -1.30 5.89
N ALA A 158 25.49 -1.26 5.00
CA ALA A 158 24.98 0.01 4.44
C ALA A 158 24.68 0.98 5.60
N PRO A 159 24.97 2.29 5.42
CA PRO A 159 24.82 3.27 6.47
C PRO A 159 23.47 3.26 7.18
N GLU A 160 22.41 3.09 6.42
CA GLU A 160 21.09 3.11 6.99
C GLU A 160 20.55 1.73 7.50
N TYR A 161 21.31 0.64 7.28
CA TYR A 161 20.76 -0.72 7.51
C TYR A 161 20.37 -0.90 8.99
N LYS A 162 21.28 -0.53 9.88
CA LYS A 162 21.11 -0.72 11.33
C LYS A 162 20.01 0.21 11.87
N VAL A 163 19.93 1.39 11.30
CA VAL A 163 18.89 2.35 11.68
C VAL A 163 17.50 1.78 11.34
N ILE A 164 17.38 1.19 10.16
CA ILE A 164 16.13 0.57 9.68
C ILE A 164 15.78 -0.65 10.53
N GLN A 165 16.78 -1.48 10.79
CA GLN A 165 16.60 -2.67 11.60
C GLN A 165 16.11 -2.30 13.00
N THR A 166 16.72 -1.26 13.57
CA THR A 166 16.34 -0.77 14.90
C THR A 166 14.91 -0.24 14.92
N TYR A 167 14.55 0.53 13.88
CA TYR A 167 13.18 1.01 13.73
C TYR A 167 12.18 -0.15 13.72
N LEU A 168 12.46 -1.17 12.92
CA LEU A 168 11.62 -2.38 12.88
C LEU A 168 11.52 -3.10 14.22
N GLU A 169 12.66 -3.33 14.87
CA GLU A 169 12.74 -4.14 16.07
C GLU A 169 12.10 -3.40 17.24
N GLN A 170 12.35 -2.10 17.33
CA GLN A 170 11.88 -1.36 18.49
C GLN A 170 10.40 -1.04 18.46
N THR A 171 9.84 -0.88 17.25
CA THR A 171 8.46 -0.52 17.13
C THR A 171 7.57 -1.62 16.56
N GLY A 172 8.17 -2.76 16.19
CA GLY A 172 7.40 -3.93 15.84
C GLY A 172 6.81 -4.66 17.04
N SER A 173 5.99 -5.68 16.78
CA SER A 173 5.38 -6.47 17.88
C SER A 173 6.41 -6.92 18.89
N ASN A 174 6.11 -6.81 20.19
CA ASN A 174 7.06 -7.28 21.20
C ASN A 174 7.25 -8.79 21.25
N HIS A 175 6.18 -9.54 21.03
CA HIS A 175 6.29 -10.98 21.28
C HIS A 175 6.84 -11.75 20.09
N ARG A 176 6.39 -11.35 18.89
CA ARG A 176 6.80 -12.00 17.65
C ARG A 176 7.01 -10.93 16.55
N CYS A 177 8.08 -10.19 16.68
CA CYS A 177 8.43 -9.13 15.73
C CYS A 177 8.66 -9.75 14.34
N PRO A 178 8.20 -9.08 13.26
CA PRO A 178 8.61 -9.55 11.92
C PRO A 178 10.11 -9.70 11.83
N THR A 179 10.57 -10.78 11.17
CA THR A 179 11.97 -11.00 11.00
C THR A 179 12.45 -10.38 9.69
N LEU A 180 13.44 -9.52 9.79
CA LEU A 180 13.98 -8.84 8.62
C LEU A 180 14.74 -9.81 7.71
N GLN A 181 14.34 -9.88 6.46
CA GLN A 181 15.07 -10.72 5.47
C GLN A 181 15.94 -9.84 4.55
N HIS A 182 15.34 -8.85 3.91
CA HIS A 182 16.05 -7.97 2.94
C HIS A 182 15.54 -6.57 3.02
N ILE A 183 16.41 -5.62 2.72
CA ILE A 183 15.99 -4.25 2.46
C ILE A 183 16.48 -3.81 1.10
N TRP A 184 15.59 -3.20 0.30
CA TRP A 184 16.01 -2.53 -0.92
C TRP A 184 15.83 -1.04 -0.77
N LYS A 185 16.82 -0.29 -1.24
CA LYS A 185 16.59 1.12 -1.48
C LYS A 185 15.73 1.29 -2.76
N VAL A 186 14.72 2.17 -2.69
CA VAL A 186 13.75 2.39 -3.75
C VAL A 186 13.95 3.77 -4.33
N ASN A 187 14.17 3.81 -5.65
CA ASN A 187 14.27 5.06 -6.39
C ASN A 187 13.36 5.03 -7.60
N GLN A 188 12.14 5.50 -7.36
CA GLN A 188 11.20 5.70 -8.43
C GLN A 188 11.43 7.14 -8.79
N GLU A 189 12.10 7.37 -9.91
CA GLU A 189 12.28 8.74 -10.38
C GLU A 189 11.00 9.24 -11.06
N GLY A 190 10.90 10.56 -11.18
CA GLY A 190 9.63 11.17 -11.55
C GLY A 190 8.71 11.17 -10.34
N GLU A 191 9.19 10.56 -9.24
CA GLU A 191 8.74 10.88 -7.90
C GLU A 191 9.60 12.04 -7.37
N GLU A 192 10.87 12.05 -7.79
CA GLU A 192 11.84 13.03 -7.26
C GLU A 192 11.38 14.48 -7.38
N ASP A 193 10.85 14.85 -8.54
CA ASP A 193 10.61 16.26 -8.87
C ASP A 193 9.47 16.84 -8.03
N ARG A 194 8.30 16.19 -8.05
CA ARG A 194 7.15 16.66 -7.25
C ARG A 194 7.49 16.69 -5.77
N PHE A 195 8.32 15.76 -5.31
CA PHE A 195 8.78 15.72 -3.94
C PHE A 195 9.66 16.93 -3.61
N GLN A 196 10.53 17.33 -4.54
CA GLN A 196 11.41 18.54 -4.38
C GLN A 196 10.59 19.75 -4.01
N ALA A 197 9.39 19.83 -4.58
CA ALA A 197 8.46 20.95 -4.34
C ALA A 197 8.16 21.18 -2.84
N HIS A 198 8.36 20.17 -1.99
CA HIS A 198 8.17 20.36 -0.56
C HIS A 198 9.50 20.52 0.21
N SER A 199 10.60 20.80 -0.52
CA SER A 199 11.93 21.01 0.07
C SER A 199 11.93 22.03 1.21
N LYS A 200 10.99 22.98 1.17
CA LYS A 200 10.83 23.97 2.24
C LYS A 200 10.40 23.37 3.61
N LEU A 201 9.61 22.29 3.60
CA LEU A 201 9.07 21.67 4.82
C LEU A 201 10.16 20.93 5.62
N GLY A 202 10.47 21.39 6.83
CA GLY A 202 11.64 20.87 7.60
C GLY A 202 11.32 19.56 8.31
N ASN A 203 10.01 19.36 8.57
CA ASN A 203 9.51 18.29 9.41
C ASN A 203 9.27 17.00 8.58
N ARG A 204 10.35 16.33 8.21
CA ARG A 204 10.29 15.09 7.44
C ARG A 204 10.47 13.90 8.36
N LYS A 205 9.70 12.84 8.14
CA LYS A 205 9.86 11.65 8.92
C LYS A 205 9.76 10.42 8.01
N LEU A 206 10.51 9.40 8.35
CA LEU A 206 10.47 8.10 7.63
C LEU A 206 9.44 7.22 8.37
N LEU A 207 8.41 6.82 7.65
CA LEU A 207 7.25 6.19 8.25
C LEU A 207 6.91 4.92 7.52
N TRP A 208 6.28 4.02 8.27
CA TRP A 208 5.85 2.73 7.74
C TRP A 208 4.58 2.80 6.90
N HIS A 209 4.56 2.00 5.84
CA HIS A 209 3.35 1.77 5.05
C HIS A 209 3.29 0.31 4.68
N GLY A 210 2.36 -0.40 5.29
CA GLY A 210 2.18 -1.85 4.99
C GLY A 210 1.07 -2.05 3.98
N THR A 211 1.19 -3.03 3.07
CA THR A 211 0.19 -3.30 2.06
C THR A 211 0.03 -4.78 1.68
N ASN A 212 -1.02 -5.09 0.92
CA ASN A 212 -1.19 -6.34 0.24
C ASN A 212 0.03 -6.58 -0.68
N MET A 213 0.52 -7.79 -0.74
CA MET A 213 1.50 -8.11 -1.75
C MET A 213 1.02 -7.79 -3.16
N ALA A 214 -0.28 -7.90 -3.40
CA ALA A 214 -0.88 -7.68 -4.72
C ALA A 214 -0.81 -6.24 -5.17
N VAL A 215 -0.47 -5.29 -4.30
CA VAL A 215 -0.38 -3.91 -4.79
C VAL A 215 1.09 -3.38 -4.82
N VAL A 216 2.07 -4.22 -4.46
CA VAL A 216 3.47 -3.82 -4.43
C VAL A 216 3.96 -3.39 -5.83
N ALA A 217 3.57 -4.11 -6.89
CA ALA A 217 4.06 -3.77 -8.21
C ALA A 217 3.50 -2.39 -8.62
N ALA A 218 2.22 -2.20 -8.37
CA ALA A 218 1.56 -0.90 -8.65
C ALA A 218 2.22 0.27 -7.90
N ILE A 219 2.48 0.12 -6.61
CA ILE A 219 3.19 1.13 -5.85
C ILE A 219 4.58 1.39 -6.40
N LEU A 220 5.32 0.33 -6.74
CA LEU A 220 6.64 0.58 -7.33
C LEU A 220 6.56 1.34 -8.65
N THR A 221 5.52 1.11 -9.46
CA THR A 221 5.39 1.82 -10.73
C THR A 221 4.90 3.25 -10.57
N SER A 222 4.06 3.49 -9.58
CA SER A 222 3.33 4.73 -9.47
C SER A 222 3.30 5.45 -8.14
N GLY A 223 3.98 4.92 -7.10
CA GLY A 223 4.03 5.55 -5.79
C GLY A 223 2.79 5.26 -4.99
N LEU A 224 2.76 5.75 -3.77
CA LEU A 224 1.58 5.69 -2.94
C LEU A 224 0.56 6.75 -3.44
N ARG A 225 -0.68 6.33 -3.57
CA ARG A 225 -1.70 7.12 -4.25
C ARG A 225 -2.93 7.37 -3.37
N ILE A 226 -3.60 8.48 -3.68
CA ILE A 226 -4.94 8.76 -3.17
C ILE A 226 -5.91 8.59 -4.32
N MET A 227 -6.85 7.68 -4.18
CA MET A 227 -7.83 7.37 -5.24
C MET A 227 -9.22 7.96 -4.86
N PRO A 228 -10.14 8.13 -5.85
CA PRO A 228 -11.40 8.83 -5.47
C PRO A 228 -12.23 8.21 -4.32
N HIS A 229 -12.12 6.88 -4.20
CA HIS A 229 -12.80 6.13 -3.15
C HIS A 229 -11.92 5.71 -1.97
N SER A 230 -10.68 6.24 -1.91
CA SER A 230 -9.83 6.05 -0.69
C SER A 230 -10.57 6.53 0.55
N GLY A 231 -10.43 5.80 1.66
CA GLY A 231 -10.98 6.28 2.94
C GLY A 231 -10.46 5.49 4.10
N GLY A 232 -10.99 5.80 5.28
CA GLY A 232 -10.56 5.17 6.51
C GLY A 232 -10.86 6.13 7.65
N ARG A 233 -10.21 5.90 8.78
CA ARG A 233 -10.55 6.59 10.04
C ARG A 233 -10.20 8.06 10.03
N VAL A 234 -9.34 8.47 9.08
CA VAL A 234 -8.81 9.83 9.00
C VAL A 234 -9.03 10.37 7.55
N GLY A 235 -9.95 9.74 6.84
CA GLY A 235 -10.45 10.23 5.55
C GLY A 235 -9.59 9.88 4.36
N LYS A 236 -9.63 10.74 3.34
CA LYS A 236 -9.16 10.40 1.99
C LYS A 236 -7.73 10.87 1.82
N GLY A 237 -6.81 10.11 2.40
CA GLY A 237 -5.39 10.41 2.25
C GLY A 237 -4.56 9.17 2.15
N ILE A 238 -3.26 9.34 2.27
CA ILE A 238 -2.28 8.25 2.36
C ILE A 238 -1.92 8.08 3.84
N TYR A 239 -2.11 6.86 4.32
CA TYR A 239 -1.90 6.48 5.71
C TYR A 239 -0.55 5.86 5.95
N PHE A 240 0.08 6.35 7.01
CA PHE A 240 1.34 5.84 7.52
C PHE A 240 1.29 5.60 9.01
N ALA A 241 2.26 4.85 9.52
CA ALA A 241 2.41 4.67 10.98
C ALA A 241 3.86 4.84 11.39
N SER A 242 4.09 5.35 12.61
CA SER A 242 5.41 5.39 13.19
C SER A 242 5.71 4.08 13.89
N GLU A 243 4.69 3.27 14.17
CA GLU A 243 4.92 1.96 14.83
C GLU A 243 4.75 0.85 13.80
N ASN A 244 5.81 0.12 13.58
CA ASN A 244 5.78 -0.99 12.61
C ASN A 244 4.61 -1.93 12.84
N SER A 245 4.33 -2.18 14.12
CA SER A 245 3.25 -3.12 14.48
C SER A 245 1.89 -2.65 13.95
N LYS A 246 1.66 -1.34 13.91
CA LYS A 246 0.44 -0.80 13.28
C LYS A 246 0.37 -1.12 11.79
N SER A 247 1.40 -0.72 11.04
CA SER A 247 1.44 -0.99 9.61
C SER A 247 1.44 -2.46 9.27
N ALA A 248 2.02 -3.24 10.16
CA ALA A 248 2.18 -4.69 9.92
C ALA A 248 0.81 -5.35 9.85
N GLY A 249 -0.17 -4.73 10.50
CA GLY A 249 -1.57 -5.23 10.49
C GLY A 249 -2.23 -5.17 9.14
N TYR A 250 -1.65 -4.41 8.23
CA TYR A 250 -2.16 -4.27 6.88
C TYR A 250 -1.40 -5.08 5.87
N VAL A 251 -0.34 -5.76 6.30
CA VAL A 251 0.49 -6.54 5.40
C VAL A 251 -0.27 -7.79 5.16
N ILE A 252 -0.54 -8.04 3.89
CA ILE A 252 -1.11 -9.28 3.49
C ILE A 252 0.02 -10.04 2.83
N GLY A 253 0.46 -11.10 3.53
CA GLY A 253 1.56 -11.90 3.11
C GLY A 253 1.05 -13.18 2.45
N MET A 254 1.98 -14.06 2.12
CA MET A 254 1.68 -15.32 1.43
C MET A 254 2.61 -16.39 2.00
N LYS A 255 2.04 -17.56 2.27
CA LYS A 255 2.80 -18.74 2.61
C LYS A 255 3.62 -19.17 1.42
N CYS A 256 4.92 -19.31 1.63
CA CYS A 256 5.83 -19.81 0.63
C CYS A 256 6.69 -20.82 1.37
N GLY A 257 6.68 -22.08 0.96
CA GLY A 257 7.39 -23.12 1.74
C GLY A 257 6.91 -23.12 3.18
N ALA A 258 7.85 -23.12 4.12
CA ALA A 258 7.49 -23.18 5.53
C ALA A 258 7.34 -21.80 6.19
N HIS A 259 7.45 -20.74 5.40
CA HIS A 259 7.46 -19.35 5.90
CA HIS A 259 7.41 -19.38 5.97
C HIS A 259 6.28 -18.54 5.39
N HIS A 260 6.11 -17.35 5.96
CA HIS A 260 5.06 -16.43 5.56
C HIS A 260 5.76 -15.15 5.12
N VAL A 261 5.71 -14.82 3.84
CA VAL A 261 6.49 -13.72 3.27
C VAL A 261 5.62 -12.47 3.15
N GLY A 262 6.14 -11.35 3.62
CA GLY A 262 5.40 -10.06 3.51
C GLY A 262 6.35 -8.92 3.16
N TYR A 263 5.78 -7.86 2.59
CA TYR A 263 6.55 -6.67 2.18
C TYR A 263 6.02 -5.44 2.84
N MET A 264 6.93 -4.55 3.26
CA MET A 264 6.53 -3.27 3.91
C MET A 264 7.36 -2.17 3.34
N PHE A 265 6.76 -1.00 3.15
CA PHE A 265 7.49 0.18 2.71
C PHE A 265 7.87 1.13 3.85
N LEU A 266 8.99 1.85 3.61
CA LEU A 266 9.27 3.04 4.40
C LEU A 266 9.23 4.21 3.41
N GLY A 267 8.42 5.21 3.71
CA GLY A 267 8.37 6.43 2.89
C GLY A 267 8.91 7.60 3.67
N GLU A 268 9.55 8.52 2.96
CA GLU A 268 9.89 9.81 3.55
C GLU A 268 8.70 10.70 3.33
N VAL A 269 8.15 11.23 4.43
CA VAL A 269 6.91 12.02 4.40
C VAL A 269 7.26 13.42 4.90
N ALA A 270 6.96 14.41 4.05
CA ALA A 270 7.08 15.81 4.41
C ALA A 270 5.81 16.23 5.13
N LEU A 271 5.86 16.19 6.45
CA LEU A 271 4.66 16.39 7.29
C LEU A 271 4.37 17.89 7.50
N GLY A 272 5.41 18.70 7.44
CA GLY A 272 5.24 20.14 7.62
C GLY A 272 4.60 20.46 8.97
N ARG A 273 3.61 21.37 8.96
CA ARG A 273 2.88 21.73 10.17
C ARG A 273 1.76 20.74 10.44
N GLU A 274 1.89 20.06 11.57
CA GLU A 274 0.98 18.96 11.93
C GLU A 274 -0.25 19.42 12.67
N HIS A 275 -1.40 18.89 12.27
CA HIS A 275 -2.65 19.06 13.01
C HIS A 275 -2.93 17.73 13.67
N HIS A 276 -3.06 17.75 15.00
CA HIS A 276 -3.27 16.54 15.78
C HIS A 276 -4.69 16.37 16.09
N ILE A 277 -5.19 15.14 15.90
CA ILE A 277 -6.56 14.82 16.28
C ILE A 277 -6.58 13.63 17.25
N ASN A 278 -7.69 13.49 18.00
CA ASN A 278 -7.81 12.37 18.98
C ASN A 278 -9.11 11.59 18.86
N THR A 279 -9.88 11.84 17.81
CA THR A 279 -11.08 11.10 17.46
C THR A 279 -11.16 10.90 15.95
N ASP A 280 -11.77 9.80 15.53
CA ASP A 280 -11.88 9.42 14.12
C ASP A 280 -12.60 10.54 13.38
N ASN A 281 -12.19 10.80 12.15
CA ASN A 281 -12.93 11.66 11.26
C ASN A 281 -12.82 11.17 9.81
N PRO A 282 -13.67 10.18 9.43
CA PRO A 282 -13.63 9.63 8.07
C PRO A 282 -13.92 10.63 6.96
N SER A 283 -14.45 11.81 7.30
CA SER A 283 -14.82 12.82 6.32
C SER A 283 -13.70 13.73 5.80
N LEU A 284 -12.50 13.64 6.40
CA LEU A 284 -11.42 14.52 6.08
C LEU A 284 -10.97 14.34 4.65
N LYS A 285 -10.74 15.45 3.95
CA LYS A 285 -10.15 15.37 2.61
C LYS A 285 -8.88 16.22 2.48
N SER A 286 -8.57 17.01 3.51
CA SER A 286 -7.33 17.80 3.57
C SER A 286 -7.12 18.17 5.04
N PRO A 287 -5.91 18.63 5.40
CA PRO A 287 -5.77 19.19 6.73
C PRO A 287 -6.51 20.47 6.80
N PRO A 288 -6.76 20.93 8.02
CA PRO A 288 -7.34 22.26 8.14
C PRO A 288 -6.42 23.32 7.55
N PRO A 289 -6.99 24.49 7.20
CA PRO A 289 -6.19 25.53 6.65
C PRO A 289 -4.99 25.89 7.48
N GLY A 290 -3.83 26.04 6.82
CA GLY A 290 -2.60 26.36 7.49
C GLY A 290 -1.76 25.16 7.92
N PHE A 291 -2.31 23.97 7.74
CA PHE A 291 -1.63 22.74 8.14
C PHE A 291 -1.30 21.85 6.95
N ASP A 292 -0.24 21.06 7.09
CA ASP A 292 0.23 20.25 5.97
C ASP A 292 -0.02 18.74 6.16
N SER A 293 -0.39 18.33 7.37
CA SER A 293 -0.70 16.94 7.64
C SER A 293 -1.67 16.83 8.81
N VAL A 294 -2.30 15.67 8.96
CA VAL A 294 -3.13 15.36 10.10
C VAL A 294 -2.56 14.12 10.75
N ILE A 295 -2.35 14.16 12.06
CA ILE A 295 -1.83 13.02 12.77
C ILE A 295 -2.87 12.67 13.79
N ALA A 296 -3.51 11.51 13.57
CA ALA A 296 -4.37 10.89 14.56
C ALA A 296 -3.46 10.29 15.60
N ARG A 297 -3.38 10.94 16.77
CA ARG A 297 -2.38 10.61 17.75
C ARG A 297 -2.79 9.41 18.61
N GLY A 298 -1.84 8.50 18.73
CA GLY A 298 -2.06 7.27 19.54
C GLY A 298 -1.80 7.45 21.02
N HIS A 299 -2.25 6.47 21.79
CA HIS A 299 -1.91 6.42 23.20
C HIS A 299 -0.43 6.30 23.42
N THR A 300 0.26 5.69 22.44
CA THR A 300 1.69 5.57 22.50
C THR A 300 2.33 6.19 21.28
N GLU A 301 3.64 6.40 21.39
CA GLU A 301 4.48 6.88 20.29
C GLU A 301 5.89 6.34 20.52
N PRO A 302 6.60 5.92 19.46
CA PRO A 302 7.99 5.62 19.70
C PRO A 302 8.69 6.78 20.42
N ASP A 303 9.41 6.47 21.49
CA ASP A 303 9.94 7.47 22.41
C ASP A 303 10.76 8.51 21.69
N PRO A 304 10.22 9.75 21.59
CA PRO A 304 10.83 10.78 20.73
C PRO A 304 12.29 11.12 21.10
N THR A 305 12.65 10.86 22.36
CA THR A 305 14.00 11.14 22.81
C THR A 305 15.01 10.21 22.16
N GLN A 306 14.52 9.13 21.54
CA GLN A 306 15.42 8.21 20.85
C GLN A 306 15.43 8.36 19.32
N ASP A 307 14.74 9.38 18.82
CA ASP A 307 14.74 9.63 17.37
C ASP A 307 16.17 9.83 16.90
N THR A 308 16.46 9.36 15.69
CA THR A 308 17.68 9.75 15.02
C THR A 308 17.30 10.42 13.73
N GLU A 309 18.31 10.72 12.91
CA GLU A 309 18.08 11.25 11.55
C GLU A 309 18.92 10.52 10.51
N LEU A 310 18.40 10.45 9.30
CA LEU A 310 19.16 9.95 8.16
C LEU A 310 19.13 11.10 7.18
N GLU A 311 20.23 11.22 6.44
CA GLU A 311 20.36 12.24 5.44
C GLU A 311 20.01 11.66 4.08
N LEU A 312 18.85 12.07 3.55
CA LEU A 312 18.35 11.53 2.29
C LEU A 312 18.33 12.68 1.31
N ASP A 313 19.10 12.58 0.22
CA ASP A 313 19.16 13.66 -0.79
C ASP A 313 19.41 15.03 -0.12
N GLY A 314 20.31 15.02 0.85
CA GLY A 314 20.70 16.22 1.59
C GLY A 314 19.69 16.85 2.54
N GLN A 315 18.63 16.13 2.90
CA GLN A 315 17.61 16.65 3.83
C GLN A 315 17.68 15.72 5.03
N GLN A 316 17.54 16.28 6.22
CA GLN A 316 17.47 15.51 7.42
C GLN A 316 16.05 14.92 7.53
N VAL A 317 16.01 13.61 7.76
CA VAL A 317 14.76 12.89 7.84
C VAL A 317 14.75 12.18 9.16
N VAL A 318 13.77 12.47 9.98
CA VAL A 318 13.68 11.84 11.29
C VAL A 318 13.33 10.34 11.17
N VAL A 319 14.01 9.53 11.94
CA VAL A 319 13.71 8.10 12.02
C VAL A 319 13.59 7.71 13.47
N PRO A 320 12.39 7.31 13.93
CA PRO A 320 12.26 6.79 15.29
C PRO A 320 13.13 5.57 15.52
N GLN A 321 13.64 5.47 16.75
CA GLN A 321 14.44 4.30 17.15
C GLN A 321 14.00 3.76 18.50
N GLY A 322 12.96 4.36 19.09
CA GLY A 322 12.56 4.08 20.46
C GLY A 322 11.40 3.14 20.52
N GLN A 323 11.32 2.37 21.61
CA GLN A 323 10.12 1.62 21.89
C GLN A 323 8.95 2.57 22.18
N PRO A 324 7.70 2.09 22.00
CA PRO A 324 6.57 2.98 22.16
C PRO A 324 6.41 3.31 23.64
N VAL A 325 6.18 4.57 23.93
CA VAL A 325 5.92 4.99 25.31
C VAL A 325 4.60 5.69 25.36
N PRO A 326 4.00 5.78 26.57
CA PRO A 326 2.72 6.46 26.64
C PRO A 326 2.84 7.95 26.45
N CYS A 327 1.84 8.50 25.80
CA CYS A 327 1.67 9.94 25.63
C CYS A 327 0.45 10.37 26.43
N PRO A 328 0.68 10.92 27.64
CA PRO A 328 -0.44 11.31 28.50
C PRO A 328 -1.44 12.25 27.87
N GLU A 329 -1.02 13.15 26.97
CA GLU A 329 -1.98 14.08 26.37
C GLU A 329 -3.01 13.33 25.52
N PHE A 330 -2.65 12.15 25.05
CA PHE A 330 -3.52 11.43 24.12
C PHE A 330 -3.98 10.11 24.72
N SER A 331 -3.99 10.03 26.04
CA SER A 331 -4.31 8.74 26.71
C SER A 331 -5.76 8.35 26.48
N SER A 332 -6.62 9.31 26.19
CA SER A 332 -8.02 9.03 25.87
C SER A 332 -8.34 9.04 24.37
N SER A 333 -7.31 9.12 23.52
CA SER A 333 -7.55 9.12 22.09
C SER A 333 -8.34 7.88 21.63
N THR A 334 -9.10 8.06 20.57
CA THR A 334 -9.74 6.91 19.94
C THR A 334 -8.75 5.98 19.23
N PHE A 335 -7.53 6.45 19.08
CA PHE A 335 -6.48 5.68 18.39
C PHE A 335 -5.50 5.09 19.35
N SER A 336 -5.27 3.78 19.28
CA SER A 336 -4.26 3.15 20.11
C SER A 336 -2.84 3.53 19.69
N GLN A 337 -2.65 3.57 18.37
CA GLN A 337 -1.40 3.88 17.75
C GLN A 337 -1.67 4.97 16.70
N SER A 338 -0.68 5.80 16.48
CA SER A 338 -0.84 6.96 15.60
C SER A 338 -1.01 6.56 14.15
N GLU A 339 -1.84 7.34 13.43
CA GLU A 339 -1.94 7.27 11.99
C GLU A 339 -1.57 8.64 11.45
N TYR A 340 -0.58 8.63 10.55
CA TYR A 340 -0.04 9.82 9.94
C TYR A 340 -0.63 9.96 8.54
N LEU A 341 -1.32 11.09 8.26
CA LEU A 341 -2.00 11.33 7.02
C LEU A 341 -1.43 12.52 6.28
N ILE A 342 -1.21 12.27 5.01
CA ILE A 342 -1.05 13.34 4.02
C ILE A 342 -2.18 13.23 2.99
N TYR A 343 -2.51 14.36 2.38
CA TYR A 343 -3.59 14.49 1.44
C TYR A 343 -3.11 15.00 0.05
N GLN A 344 -1.79 15.00 -0.16
CA GLN A 344 -1.21 15.22 -1.48
C GLN A 344 -0.16 14.10 -1.69
N GLU A 345 -0.22 13.43 -2.81
CA GLU A 345 0.74 12.37 -3.16
C GLU A 345 2.19 12.87 -3.21
N SER A 346 2.37 14.15 -3.58
CA SER A 346 3.70 14.76 -3.62
C SER A 346 4.45 14.83 -2.29
N GLN A 347 3.74 14.70 -1.18
CA GLN A 347 4.36 14.79 0.14
C GLN A 347 5.01 13.51 0.62
N CYS A 348 4.94 12.43 -0.17
CA CYS A 348 5.62 11.17 0.16
C CYS A 348 6.53 10.81 -1.00
N ARG A 349 7.72 10.32 -0.69
CA ARG A 349 8.48 9.56 -1.67
C ARG A 349 8.96 8.25 -1.08
N LEU A 350 8.83 7.19 -1.86
CA LEU A 350 9.23 5.88 -1.37
C LEU A 350 10.74 5.83 -1.19
N ARG A 351 11.23 5.27 -0.10
CA ARG A 351 12.68 5.19 0.13
C ARG A 351 13.19 3.75 0.28
N TYR A 352 12.44 2.90 0.97
CA TYR A 352 12.84 1.51 1.21
C TYR A 352 11.65 0.54 1.12
N LEU A 353 12.01 -0.68 0.74
CA LEU A 353 11.13 -1.83 0.71
C LEU A 353 11.80 -2.92 1.51
N LEU A 354 11.04 -3.55 2.41
CA LEU A 354 11.53 -4.58 3.30
C LEU A 354 10.77 -5.87 3.05
N GLU A 355 11.50 -6.95 2.93
CA GLU A 355 10.90 -8.30 2.99
C GLU A 355 11.03 -8.81 4.42
N VAL A 356 9.92 -9.22 5.02
CA VAL A 356 9.84 -9.71 6.39
C VAL A 356 9.16 -11.09 6.46
N HIS A 357 9.67 -11.99 7.32
CA HIS A 357 9.04 -13.29 7.53
C HIS A 357 8.42 -13.33 8.95
#